data_7XGW
#
_entry.id   7XGW
#
_cell.length_a   111.724
_cell.length_b   111.724
_cell.length_c   93.970
_cell.angle_alpha   90.000
_cell.angle_beta   90.000
_cell.angle_gamma   120.000
#
_symmetry.space_group_name_H-M   'P 32 2 1'
#
loop_
_entity.id
_entity.type
_entity.pdbx_description
1 polymer 'Transcription elongation factor s-II'
2 water water
#
_entity_poly.entity_id   1
_entity_poly.type   'polypeptide(L)'
_entity_poly.pdbx_seq_one_letter_code
;MGHHHHHHMSADDDVAYVVDMLRKSRHDVTNATLETTGKELTETYMECLNGDVVEVSIANEERIVSLLSSLASANVTLKQ
LIGTKIGVAVGQFLSDGFPPHIVRFSKGILDYWFRQLPEEVQKQLLAKRALGT
;
_entity_poly.pdbx_strand_id   F,A,B,C,D,E
#
# COMPACT_ATOMS: atom_id res chain seq x y z
N ASP A 28 -0.50 -29.13 2.77
CA ASP A 28 0.15 -27.88 2.37
C ASP A 28 -0.14 -27.56 0.91
N VAL A 29 -1.13 -26.71 0.69
CA VAL A 29 -1.56 -26.36 -0.65
C VAL A 29 -0.72 -25.20 -1.18
N THR A 30 -0.51 -25.20 -2.49
CA THR A 30 0.29 -24.19 -3.15
C THR A 30 -0.54 -22.97 -3.53
N ASN A 31 0.15 -21.85 -3.71
CA ASN A 31 -0.53 -20.66 -4.19
C ASN A 31 -1.02 -20.86 -5.62
N ALA A 32 -0.24 -21.55 -6.45
CA ALA A 32 -0.60 -21.78 -7.84
C ALA A 32 -1.87 -22.61 -7.95
N THR A 33 -1.95 -23.72 -7.21
CA THR A 33 -3.16 -24.56 -7.27
C THR A 33 -4.37 -23.79 -6.77
N LEU A 34 -4.21 -23.00 -5.70
CA LEU A 34 -5.33 -22.23 -5.19
C LEU A 34 -5.78 -21.21 -6.21
N GLU A 35 -4.83 -20.57 -6.90
CA GLU A 35 -5.18 -19.59 -7.93
C GLU A 35 -5.85 -20.25 -9.13
N THR A 36 -5.36 -21.42 -9.56
CA THR A 36 -5.96 -22.08 -10.70
C THR A 36 -7.39 -22.51 -10.38
N THR A 37 -7.59 -23.10 -9.20
CA THR A 37 -8.94 -23.49 -8.78
C THR A 37 -9.86 -22.29 -8.67
N GLY A 38 -9.34 -21.15 -8.20
CA GLY A 38 -10.16 -19.97 -8.03
C GLY A 38 -10.76 -19.45 -9.32
N LYS A 39 -9.95 -19.33 -10.37
CA LYS A 39 -10.45 -18.84 -11.64
C LYS A 39 -11.51 -19.77 -12.23
N GLU A 40 -11.23 -21.08 -12.24
CA GLU A 40 -12.20 -22.03 -12.77
C GLU A 40 -13.53 -21.95 -12.04
N LEU A 41 -13.48 -21.72 -10.73
CA LEU A 41 -14.72 -21.53 -9.97
C LEU A 41 -15.43 -20.26 -10.40
N THR A 42 -14.69 -19.17 -10.57
CA THR A 42 -15.29 -17.90 -10.99
C THR A 42 -15.83 -17.99 -12.41
N GLU A 43 -15.11 -18.68 -13.30
CA GLU A 43 -15.59 -18.89 -14.66
C GLU A 43 -16.88 -19.70 -14.67
N THR A 44 -16.94 -20.75 -13.85
CA THR A 44 -18.14 -21.56 -13.78
C THR A 44 -19.30 -20.77 -13.17
N TYR A 45 -18.99 -19.92 -12.20
CA TYR A 45 -20.02 -19.04 -11.63
C TYR A 45 -20.60 -18.11 -12.68
N MET A 46 -19.76 -17.54 -13.54
CA MET A 46 -20.25 -16.66 -14.60
C MET A 46 -21.17 -17.40 -15.56
N GLU A 47 -20.93 -18.69 -15.80
CA GLU A 47 -21.76 -19.44 -16.73
C GLU A 47 -23.15 -19.71 -16.16
N CYS A 48 -23.28 -19.77 -14.84
CA CYS A 48 -24.57 -20.06 -14.24
C CYS A 48 -25.35 -18.81 -13.88
N LEU A 49 -24.75 -17.65 -14.08
CA LEU A 49 -25.43 -16.37 -13.88
C LEU A 49 -25.95 -15.90 -15.23
N ASN A 50 -27.27 -15.90 -15.39
CA ASN A 50 -27.91 -15.32 -16.56
C ASN A 50 -28.33 -13.87 -16.33
N GLY A 51 -27.75 -13.22 -15.31
CA GLY A 51 -28.12 -11.87 -14.94
C GLY A 51 -28.79 -11.82 -13.59
N ASP A 52 -30.05 -12.27 -13.53
CA ASP A 52 -30.77 -12.44 -12.29
C ASP A 52 -31.07 -13.90 -11.98
N VAL A 53 -31.20 -14.73 -13.01
CA VAL A 53 -31.50 -16.14 -12.83
C VAL A 53 -30.20 -16.91 -12.71
N VAL A 54 -30.14 -17.81 -11.74
CA VAL A 54 -29.06 -18.79 -11.62
C VAL A 54 -29.53 -20.08 -12.27
N GLU A 55 -28.75 -20.58 -13.21
CA GLU A 55 -29.06 -21.82 -13.91
C GLU A 55 -27.83 -22.71 -13.89
N VAL A 56 -27.92 -23.81 -13.16
CA VAL A 56 -26.81 -24.74 -12.96
C VAL A 56 -27.15 -26.04 -13.69
N SER A 57 -26.35 -26.38 -14.69
CA SER A 57 -26.50 -27.63 -15.42
C SER A 57 -25.93 -28.79 -14.61
N ILE A 58 -26.29 -30.01 -15.03
CA ILE A 58 -25.78 -31.22 -14.37
C ILE A 58 -24.25 -31.28 -14.47
N ALA A 59 -23.69 -30.90 -15.62
CA ALA A 59 -22.25 -30.94 -15.78
C ALA A 59 -21.58 -29.88 -14.91
N ASN A 60 -22.10 -28.66 -14.93
CA ASN A 60 -21.55 -27.61 -14.08
C ASN A 60 -21.76 -27.90 -12.61
N GLU A 61 -22.90 -28.50 -12.26
CA GLU A 61 -23.15 -28.87 -10.87
C GLU A 61 -22.07 -29.80 -10.36
N GLU A 62 -21.67 -30.78 -11.17
CA GLU A 62 -20.63 -31.71 -10.75
C GLU A 62 -19.26 -31.06 -10.76
N ARG A 63 -19.03 -30.10 -11.67
CA ARG A 63 -17.75 -29.38 -11.69
C ARG A 63 -17.60 -28.50 -10.44
N ILE A 64 -18.69 -27.86 -10.02
CA ILE A 64 -18.63 -27.02 -8.82
C ILE A 64 -18.31 -27.87 -7.60
N VAL A 65 -18.99 -29.00 -7.46
CA VAL A 65 -18.75 -29.89 -6.32
C VAL A 65 -17.33 -30.43 -6.37
N SER A 66 -16.83 -30.72 -7.58
CA SER A 66 -15.46 -31.23 -7.73
C SER A 66 -14.44 -30.19 -7.31
N LEU A 67 -14.62 -28.94 -7.77
CA LEU A 67 -13.68 -27.89 -7.42
C LEU A 67 -13.71 -27.58 -5.93
N LEU A 68 -14.93 -27.45 -5.37
CA LEU A 68 -15.05 -27.18 -3.94
C LEU A 68 -14.48 -28.32 -3.11
N SER A 69 -14.75 -29.57 -3.51
CA SER A 69 -14.23 -30.71 -2.77
C SER A 69 -12.71 -30.71 -2.73
N SER A 70 -12.08 -30.28 -3.83
CA SER A 70 -10.62 -30.25 -3.87
C SER A 70 -10.03 -29.26 -2.88
N LEU A 71 -10.82 -28.29 -2.43
CA LEU A 71 -10.36 -27.31 -1.46
C LEU A 71 -10.78 -27.61 -0.03
N ALA A 72 -11.81 -28.46 0.16
CA ALA A 72 -12.39 -28.66 1.48
C ALA A 72 -11.42 -29.23 2.50
N SER A 73 -10.36 -29.92 2.06
CA SER A 73 -9.38 -30.48 2.96
C SER A 73 -8.10 -29.65 3.00
N ALA A 74 -8.02 -28.62 2.17
CA ALA A 74 -6.82 -27.79 2.10
C ALA A 74 -6.73 -26.90 3.32
N ASN A 75 -5.60 -27.01 4.05
CA ASN A 75 -5.37 -26.15 5.21
C ASN A 75 -4.83 -24.83 4.67
N VAL A 76 -5.74 -24.02 4.15
CA VAL A 76 -5.37 -22.75 3.56
C VAL A 76 -4.96 -21.79 4.67
N THR A 77 -3.76 -21.22 4.55
CA THR A 77 -3.27 -20.27 5.51
C THR A 77 -3.90 -18.89 5.28
N LEU A 78 -3.81 -18.04 6.30
CA LEU A 78 -4.41 -16.71 6.20
C LEU A 78 -3.72 -15.89 5.12
N LYS A 79 -2.41 -16.03 4.98
CA LYS A 79 -1.69 -15.32 3.93
C LYS A 79 -2.14 -15.77 2.55
N GLN A 80 -2.47 -17.06 2.40
CA GLN A 80 -3.00 -17.55 1.13
C GLN A 80 -4.40 -17.02 0.87
N LEU A 81 -5.22 -16.92 1.93
CA LEU A 81 -6.58 -16.42 1.79
C LEU A 81 -6.62 -15.05 1.16
N ILE A 82 -5.80 -14.13 1.66
CA ILE A 82 -5.80 -12.77 1.12
C ILE A 82 -5.10 -12.72 -0.24
N GLY A 83 -3.94 -13.40 -0.35
CA GLY A 83 -3.18 -13.32 -1.59
C GLY A 83 -3.92 -13.90 -2.79
N THR A 84 -4.44 -15.13 -2.64
CA THR A 84 -5.08 -15.81 -3.75
C THR A 84 -6.55 -15.47 -3.96
N LYS A 85 -7.20 -14.85 -2.96
CA LYS A 85 -8.62 -14.50 -3.05
C LYS A 85 -9.51 -15.72 -3.22
N ILE A 86 -9.05 -16.88 -2.74
CA ILE A 86 -9.83 -18.11 -2.89
C ILE A 86 -11.11 -18.02 -2.06
N GLY A 87 -11.09 -17.28 -0.94
CA GLY A 87 -12.31 -17.11 -0.17
C GLY A 87 -13.40 -16.37 -0.93
N VAL A 88 -13.01 -15.39 -1.74
CA VAL A 88 -13.98 -14.68 -2.57
C VAL A 88 -14.57 -15.61 -3.62
N ALA A 89 -13.72 -16.42 -4.26
CA ALA A 89 -14.20 -17.34 -5.28
C ALA A 89 -15.21 -18.34 -4.71
N VAL A 90 -14.90 -18.91 -3.54
CA VAL A 90 -15.84 -19.83 -2.91
C VAL A 90 -17.06 -19.08 -2.40
N GLY A 91 -16.86 -17.85 -1.91
CA GLY A 91 -17.96 -17.03 -1.46
C GLY A 91 -19.00 -16.74 -2.52
N GLN A 92 -18.61 -16.79 -3.79
CA GLN A 92 -19.55 -16.53 -4.88
C GLN A 92 -20.78 -17.41 -4.79
N PHE A 93 -20.59 -18.67 -4.40
CA PHE A 93 -21.63 -19.67 -4.44
C PHE A 93 -22.47 -19.66 -3.17
N LEU A 94 -22.35 -18.62 -2.35
CA LEU A 94 -23.21 -18.43 -1.18
C LEU A 94 -24.49 -17.70 -1.54
N SER A 95 -24.92 -17.76 -2.80
CA SER A 95 -26.07 -17.01 -3.24
C SER A 95 -27.26 -17.95 -3.41
N ASP A 96 -28.44 -17.41 -3.12
CA ASP A 96 -29.67 -18.22 -3.05
C ASP A 96 -29.90 -19.03 -4.32
N GLY A 97 -29.74 -18.38 -5.48
CA GLY A 97 -29.96 -19.06 -6.75
C GLY A 97 -29.30 -20.42 -6.90
N PHE A 98 -28.20 -20.65 -6.20
CA PHE A 98 -27.47 -21.91 -6.33
C PHE A 98 -28.08 -23.00 -5.46
N PRO A 99 -27.82 -24.27 -5.79
CA PRO A 99 -28.47 -25.38 -5.07
C PRO A 99 -28.15 -25.35 -3.58
N PRO A 100 -29.12 -25.74 -2.74
CA PRO A 100 -28.90 -25.67 -1.27
C PRO A 100 -27.70 -26.43 -0.78
N HIS A 101 -27.48 -27.66 -1.25
CA HIS A 101 -26.34 -28.43 -0.76
C HIS A 101 -25.01 -27.82 -1.19
N ILE A 102 -24.99 -27.12 -2.32
CA ILE A 102 -23.79 -26.42 -2.74
C ILE A 102 -23.58 -25.16 -1.92
N VAL A 103 -24.66 -24.46 -1.59
CA VAL A 103 -24.54 -23.28 -0.72
C VAL A 103 -24.02 -23.70 0.65
N ARG A 104 -24.52 -24.83 1.16
CA ARG A 104 -24.03 -25.35 2.44
C ARG A 104 -22.57 -25.76 2.35
N PHE A 105 -22.19 -26.46 1.27
CA PHE A 105 -20.82 -26.92 1.11
C PHE A 105 -19.84 -25.75 1.10
N SER A 106 -20.18 -24.68 0.39
CA SER A 106 -19.31 -23.51 0.34
C SER A 106 -19.21 -22.85 1.71
N LYS A 107 -20.35 -22.74 2.41
CA LYS A 107 -20.34 -22.17 3.75
C LYS A 107 -19.47 -22.98 4.70
N GLY A 108 -19.52 -24.31 4.57
CA GLY A 108 -18.70 -25.16 5.42
C GLY A 108 -17.21 -24.96 5.19
N ILE A 109 -16.79 -24.87 3.93
CA ILE A 109 -15.37 -24.69 3.62
C ILE A 109 -14.88 -23.36 4.15
N LEU A 110 -15.65 -22.29 3.92
CA LEU A 110 -15.25 -20.98 4.43
C LEU A 110 -15.28 -20.93 5.95
N ASP A 111 -16.26 -21.61 6.56
CA ASP A 111 -16.33 -21.68 8.02
C ASP A 111 -15.04 -22.26 8.60
N TYR A 112 -14.52 -23.31 7.98
CA TYR A 112 -13.25 -23.90 8.43
C TYR A 112 -12.10 -22.92 8.25
N TRP A 113 -12.01 -22.29 7.07
CA TRP A 113 -10.90 -21.38 6.81
C TRP A 113 -10.93 -20.17 7.72
N PHE A 114 -12.12 -19.73 8.13
CA PHE A 114 -12.26 -18.58 9.01
C PHE A 114 -12.33 -18.97 10.48
N ARG A 115 -11.97 -20.22 10.81
CA ARG A 115 -12.19 -20.74 12.16
C ARG A 115 -11.44 -19.95 13.23
N GLN A 116 -10.38 -19.22 12.87
CA GLN A 116 -9.62 -18.47 13.86
C GLN A 116 -10.14 -17.05 14.08
N LEU A 117 -11.28 -16.69 13.46
CA LEU A 117 -11.86 -15.37 13.67
C LEU A 117 -13.02 -15.46 14.65
N PRO A 118 -13.33 -14.37 15.35
CA PRO A 118 -14.48 -14.38 16.27
C PRO A 118 -15.76 -14.74 15.53
N GLU A 119 -16.67 -15.39 16.27
CA GLU A 119 -17.95 -15.81 15.68
C GLU A 119 -18.68 -14.66 15.01
N GLU A 120 -18.62 -13.47 15.62
CA GLU A 120 -19.29 -12.32 15.03
C GLU A 120 -18.71 -11.99 13.66
N VAL A 121 -17.40 -12.12 13.50
CA VAL A 121 -16.78 -11.86 12.21
C VAL A 121 -17.16 -12.93 11.21
N GLN A 122 -17.12 -14.19 11.62
CA GLN A 122 -17.47 -15.29 10.73
C GLN A 122 -18.92 -15.17 10.26
N LYS A 123 -19.83 -14.83 11.18
CA LYS A 123 -21.24 -14.75 10.81
C LYS A 123 -21.46 -13.77 9.66
N GLN A 124 -20.70 -12.67 9.64
CA GLN A 124 -20.86 -11.72 8.55
C GLN A 124 -20.11 -12.12 7.30
N LEU A 125 -19.15 -13.04 7.42
CA LEU A 125 -18.45 -13.53 6.24
C LEU A 125 -19.24 -14.65 5.57
N LEU A 126 -19.94 -15.44 6.37
CA LEU A 126 -20.71 -16.59 5.91
C LEU A 126 -22.16 -16.25 5.56
N ALA A 127 -22.56 -14.99 5.65
CA ALA A 127 -23.95 -14.65 5.38
C ALA A 127 -24.33 -15.00 3.94
N LYS A 128 -25.41 -15.76 3.79
CA LYS A 128 -25.91 -16.10 2.47
C LYS A 128 -26.30 -14.83 1.72
N ARG A 129 -25.64 -14.56 0.61
CA ARG A 129 -25.80 -13.31 -0.11
C ARG A 129 -26.87 -13.47 -1.20
N ALA A 130 -27.14 -12.36 -1.89
CA ALA A 130 -28.12 -12.35 -2.96
C ALA A 130 -27.44 -12.30 -4.33
N ASP B 28 18.32 6.94 -24.99
CA ASP B 28 19.51 7.70 -24.56
C ASP B 28 19.66 7.64 -23.04
N VAL B 29 20.31 6.57 -22.60
CA VAL B 29 20.49 6.24 -21.19
C VAL B 29 21.97 6.30 -20.84
N THR B 30 22.26 6.62 -19.58
CA THR B 30 23.63 6.60 -19.13
C THR B 30 24.01 5.19 -18.72
N ASN B 31 25.32 4.91 -18.73
CA ASN B 31 25.78 3.57 -18.37
C ASN B 31 25.46 3.24 -16.92
N ALA B 32 25.58 4.22 -16.02
CA ALA B 32 25.30 3.98 -14.61
C ALA B 32 23.84 3.58 -14.40
N THR B 33 22.92 4.25 -15.09
CA THR B 33 21.51 3.89 -14.98
C THR B 33 21.26 2.48 -15.48
N LEU B 34 21.88 2.12 -16.60
CA LEU B 34 21.73 0.76 -17.14
C LEU B 34 22.33 -0.27 -16.19
N GLU B 35 23.48 0.07 -15.59
CA GLU B 35 24.09 -0.83 -14.61
C GLU B 35 23.20 -0.97 -13.38
N THR B 36 22.57 0.13 -12.95
CA THR B 36 21.71 0.10 -11.78
C THR B 36 20.49 -0.77 -12.01
N THR B 37 19.80 -0.57 -13.13
CA THR B 37 18.63 -1.38 -13.44
C THR B 37 19.00 -2.85 -13.59
N GLY B 38 20.16 -3.14 -14.18
CA GLY B 38 20.61 -4.51 -14.31
C GLY B 38 20.79 -5.19 -12.96
N LYS B 39 21.40 -4.49 -12.01
CA LYS B 39 21.54 -5.04 -10.66
C LYS B 39 20.19 -5.32 -10.04
N GLU B 40 19.25 -4.39 -10.15
CA GLU B 40 17.91 -4.60 -9.61
C GLU B 40 17.24 -5.80 -10.29
N LEU B 41 17.42 -5.93 -11.62
CA LEU B 41 16.86 -7.08 -12.32
C LEU B 41 17.53 -8.37 -11.88
N THR B 42 18.86 -8.35 -11.76
CA THR B 42 19.60 -9.52 -11.35
C THR B 42 19.27 -9.90 -9.91
N GLU B 43 19.08 -8.89 -9.05
CA GLU B 43 18.69 -9.14 -7.67
C GLU B 43 17.35 -9.86 -7.60
N THR B 44 16.36 -9.41 -8.39
CA THR B 44 15.06 -10.05 -8.38
C THR B 44 15.09 -11.43 -9.02
N TYR B 45 15.91 -11.60 -10.07
CA TYR B 45 16.02 -12.92 -10.69
C TYR B 45 16.53 -13.95 -9.68
N MET B 46 17.59 -13.62 -8.96
CA MET B 46 18.07 -14.53 -7.93
C MET B 46 17.07 -14.62 -6.79
N GLU B 47 16.29 -13.56 -6.57
CA GLU B 47 15.27 -13.58 -5.53
C GLU B 47 14.12 -14.52 -5.89
N CYS B 48 13.89 -14.76 -7.18
CA CYS B 48 12.83 -15.65 -7.62
C CYS B 48 13.31 -17.06 -7.92
N LEU B 49 14.61 -17.32 -7.84
CA LEU B 49 15.17 -18.64 -8.07
C LEU B 49 15.38 -19.38 -6.75
N ASN B 50 14.47 -20.31 -6.44
CA ASN B 50 14.68 -21.24 -5.32
C ASN B 50 15.26 -22.53 -5.90
N GLY B 51 16.58 -22.64 -5.88
CA GLY B 51 17.24 -23.80 -6.43
C GLY B 51 17.05 -23.97 -7.93
N ASP B 52 16.47 -25.09 -8.37
CA ASP B 52 16.01 -25.24 -9.74
C ASP B 52 14.57 -24.80 -9.92
N VAL B 53 14.01 -24.09 -8.94
CA VAL B 53 12.58 -23.78 -8.90
C VAL B 53 12.41 -22.28 -8.94
N VAL B 54 11.57 -21.82 -9.87
CA VAL B 54 11.21 -20.41 -9.97
C VAL B 54 9.95 -20.18 -9.16
N GLU B 55 10.00 -19.22 -8.25
CA GLU B 55 8.83 -18.84 -7.47
C GLU B 55 8.76 -17.34 -7.61
N VAL B 56 7.79 -16.88 -8.39
CA VAL B 56 7.66 -15.47 -8.71
C VAL B 56 6.48 -14.98 -7.89
N SER B 57 6.76 -14.08 -6.97
CA SER B 57 5.71 -13.54 -6.14
C SER B 57 4.90 -12.52 -6.92
N ILE B 58 3.72 -12.22 -6.39
CA ILE B 58 2.89 -11.18 -6.98
C ILE B 58 3.62 -9.84 -6.94
N ALA B 59 4.33 -9.58 -5.83
CA ALA B 59 5.08 -8.33 -5.70
C ALA B 59 6.28 -8.30 -6.65
N ASN B 60 7.03 -9.40 -6.73
CA ASN B 60 8.17 -9.45 -7.65
C ASN B 60 7.72 -9.29 -9.09
N GLU B 61 6.56 -9.86 -9.43
CA GLU B 61 6.01 -9.71 -10.76
C GLU B 61 5.84 -8.24 -11.13
N GLU B 62 5.38 -7.43 -10.18
CA GLU B 62 5.22 -6.01 -10.45
C GLU B 62 6.56 -5.28 -10.55
N ARG B 63 7.58 -5.73 -9.81
CA ARG B 63 8.89 -5.10 -9.94
C ARG B 63 9.55 -5.42 -11.27
N ILE B 64 9.40 -6.66 -11.75
CA ILE B 64 10.04 -7.05 -13.01
C ILE B 64 9.44 -6.26 -14.17
N VAL B 65 8.12 -6.14 -14.20
CA VAL B 65 7.47 -5.38 -15.26
C VAL B 65 7.85 -3.90 -15.16
N SER B 66 7.99 -3.40 -13.94
CA SER B 66 8.35 -2.00 -13.73
C SER B 66 9.75 -1.70 -14.28
N LEU B 67 10.72 -2.55 -13.97
CA LEU B 67 12.08 -2.33 -14.46
C LEU B 67 12.17 -2.53 -15.97
N LEU B 68 11.54 -3.58 -16.49
CA LEU B 68 11.59 -3.83 -17.94
C LEU B 68 10.94 -2.70 -18.72
N SER B 69 9.81 -2.17 -18.23
CA SER B 69 9.14 -1.09 -18.93
C SER B 69 10.04 0.13 -19.06
N SER B 70 10.82 0.43 -18.02
CA SER B 70 11.72 1.57 -18.08
C SER B 70 12.82 1.40 -19.11
N LEU B 71 13.10 0.16 -19.52
CA LEU B 71 14.13 -0.11 -20.52
C LEU B 71 13.57 -0.28 -21.93
N ALA B 72 12.27 -0.58 -22.06
CA ALA B 72 11.70 -0.91 -23.36
C ALA B 72 11.77 0.25 -24.35
N SER B 73 11.86 1.48 -23.87
CA SER B 73 11.97 2.65 -24.74
C SER B 73 13.39 3.17 -24.81
N ALA B 74 14.30 2.60 -24.03
CA ALA B 74 15.69 3.05 -23.99
C ALA B 74 16.41 2.62 -25.26
N ASN B 75 17.00 3.59 -25.97
CA ASN B 75 17.79 3.28 -27.16
C ASN B 75 19.19 2.86 -26.69
N VAL B 76 19.27 1.63 -26.20
CA VAL B 76 20.53 1.10 -25.69
C VAL B 76 21.45 0.80 -26.87
N THR B 77 22.64 1.35 -26.84
CA THR B 77 23.61 1.06 -27.90
C THR B 77 24.25 -0.31 -27.66
N LEU B 78 24.82 -0.86 -28.73
CA LEU B 78 25.42 -2.19 -28.63
C LEU B 78 26.62 -2.18 -27.70
N LYS B 79 27.41 -1.10 -27.71
CA LYS B 79 28.52 -0.99 -26.77
C LYS B 79 28.03 -0.94 -25.33
N GLN B 80 26.87 -0.31 -25.11
CA GLN B 80 26.27 -0.30 -23.79
C GLN B 80 25.76 -1.69 -23.41
N LEU B 81 25.21 -2.41 -24.38
CA LEU B 81 24.71 -3.76 -24.14
C LEU B 81 25.79 -4.65 -23.52
N ILE B 82 26.97 -4.65 -24.14
CA ILE B 82 28.07 -5.48 -23.63
C ILE B 82 28.71 -4.84 -22.41
N GLY B 83 28.97 -3.53 -22.46
CA GLY B 83 29.66 -2.87 -21.37
C GLY B 83 28.90 -2.94 -20.07
N THR B 84 27.61 -2.59 -20.11
CA THR B 84 26.76 -2.61 -18.92
C THR B 84 26.19 -3.98 -18.63
N LYS B 85 26.26 -4.91 -19.58
CA LYS B 85 25.74 -6.27 -19.42
C LYS B 85 24.24 -6.28 -19.17
N ILE B 86 23.54 -5.24 -19.62
CA ILE B 86 22.10 -5.16 -19.40
C ILE B 86 21.37 -6.25 -20.19
N GLY B 87 21.91 -6.66 -21.34
CA GLY B 87 21.28 -7.73 -22.09
C GLY B 87 21.27 -9.04 -21.32
N VAL B 88 22.35 -9.31 -20.58
CA VAL B 88 22.40 -10.49 -19.75
C VAL B 88 21.37 -10.41 -18.63
N ALA B 89 21.24 -9.23 -18.01
CA ALA B 89 20.26 -9.05 -16.94
C ALA B 89 18.84 -9.31 -17.44
N VAL B 90 18.50 -8.76 -18.60
CA VAL B 90 17.17 -9.01 -19.15
C VAL B 90 17.06 -10.45 -19.64
N GLY B 91 18.14 -11.00 -20.18
CA GLY B 91 18.15 -12.36 -20.64
C GLY B 91 17.83 -13.39 -19.57
N GLN B 92 18.07 -13.05 -18.30
CA GLN B 92 17.79 -13.98 -17.22
C GLN B 92 16.36 -14.51 -17.27
N PHE B 93 15.42 -13.66 -17.63
CA PHE B 93 14.01 -13.98 -17.58
C PHE B 93 13.50 -14.64 -18.85
N LEU B 94 14.39 -15.06 -19.73
CA LEU B 94 14.04 -15.85 -20.91
C LEU B 94 14.00 -17.34 -20.59
N SER B 95 13.31 -17.71 -19.52
CA SER B 95 13.35 -19.10 -19.08
C SER B 95 12.03 -19.50 -18.44
N ASP B 96 11.66 -20.76 -18.64
CA ASP B 96 10.40 -21.28 -18.12
C ASP B 96 10.36 -21.12 -16.60
N GLY B 97 9.15 -21.10 -16.05
CA GLY B 97 8.92 -20.87 -14.65
C GLY B 97 8.53 -19.44 -14.36
N PHE B 98 9.00 -18.52 -15.20
CA PHE B 98 8.58 -17.14 -15.10
C PHE B 98 7.26 -17.01 -15.86
N PRO B 99 6.46 -16.01 -15.54
CA PRO B 99 5.16 -15.89 -16.21
C PRO B 99 5.35 -15.73 -17.72
N PRO B 100 4.43 -16.28 -18.51
CA PRO B 100 4.61 -16.23 -19.98
C PRO B 100 4.81 -14.85 -20.53
N HIS B 101 4.03 -13.86 -20.07
CA HIS B 101 4.15 -12.52 -20.61
C HIS B 101 5.48 -11.88 -20.23
N ILE B 102 6.08 -12.30 -19.12
CA ILE B 102 7.39 -11.77 -18.73
C ILE B 102 8.49 -12.35 -19.61
N VAL B 103 8.37 -13.64 -19.97
CA VAL B 103 9.34 -14.23 -20.90
C VAL B 103 9.25 -13.55 -22.26
N ARG B 104 8.03 -13.29 -22.73
CA ARG B 104 7.84 -12.61 -24.00
C ARG B 104 8.34 -11.16 -23.94
N PHE B 105 8.01 -10.44 -22.85
CA PHE B 105 8.42 -9.05 -22.73
C PHE B 105 9.94 -8.93 -22.77
N SER B 106 10.65 -9.83 -22.09
CA SER B 106 12.11 -9.81 -22.13
C SER B 106 12.62 -10.14 -23.52
N LYS B 107 12.00 -11.12 -24.18
CA LYS B 107 12.39 -11.47 -25.54
C LYS B 107 12.20 -10.28 -26.49
N GLY B 108 11.10 -9.54 -26.31
CA GLY B 108 10.87 -8.40 -27.18
C GLY B 108 11.90 -7.30 -27.02
N ILE B 109 12.27 -6.98 -25.78
CA ILE B 109 13.24 -5.92 -25.54
C ILE B 109 14.60 -6.29 -26.12
N LEU B 110 15.03 -7.53 -25.90
CA LEU B 110 16.30 -7.98 -26.47
C LEU B 110 16.22 -8.06 -27.99
N ASP B 111 15.06 -8.45 -28.52
CA ASP B 111 14.87 -8.47 -29.97
C ASP B 111 15.11 -7.10 -30.58
N TYR B 112 14.61 -6.05 -29.93
CA TYR B 112 14.88 -4.69 -30.40
C TYR B 112 16.35 -4.36 -30.26
N TRP B 113 16.95 -4.65 -29.10
CA TRP B 113 18.35 -4.29 -28.88
C TRP B 113 19.29 -5.03 -29.82
N PHE B 114 18.93 -6.24 -30.24
CA PHE B 114 19.76 -7.02 -31.15
C PHE B 114 19.35 -6.83 -32.61
N ARG B 115 18.57 -5.79 -32.93
CA ARG B 115 17.96 -5.67 -34.25
C ARG B 115 19.01 -5.57 -35.36
N GLN B 116 20.20 -5.04 -35.07
CA GLN B 116 21.23 -4.89 -36.08
C GLN B 116 22.04 -6.15 -36.30
N LEU B 117 21.70 -7.23 -35.66
CA LEU B 117 22.40 -8.48 -35.87
C LEU B 117 21.64 -9.38 -36.82
N PRO B 118 22.33 -10.27 -37.52
CA PRO B 118 21.64 -11.21 -38.40
C PRO B 118 20.65 -12.05 -37.60
N GLU B 119 19.57 -12.45 -38.28
CA GLU B 119 18.54 -13.24 -37.62
C GLU B 119 19.11 -14.50 -36.99
N GLU B 120 20.10 -15.13 -37.64
CA GLU B 120 20.71 -16.33 -37.09
C GLU B 120 21.37 -16.04 -35.75
N VAL B 121 22.01 -14.88 -35.62
CA VAL B 121 22.62 -14.52 -34.34
C VAL B 121 21.54 -14.21 -33.31
N GLN B 122 20.53 -13.44 -33.71
CA GLN B 122 19.45 -13.09 -32.80
C GLN B 122 18.70 -14.34 -32.32
N LYS B 123 18.48 -15.30 -33.23
CA LYS B 123 17.74 -16.49 -32.87
C LYS B 123 18.39 -17.23 -31.70
N GLN B 124 19.73 -17.27 -31.65
CA GLN B 124 20.37 -17.94 -30.54
C GLN B 124 20.47 -17.06 -29.31
N LEU B 125 20.28 -15.75 -29.46
CA LEU B 125 20.32 -14.88 -28.29
C LEU B 125 18.96 -14.84 -27.59
N LEU B 126 17.89 -14.95 -28.37
CA LEU B 126 16.52 -14.91 -27.85
C LEU B 126 15.98 -16.29 -27.51
N ALA B 127 16.86 -17.29 -27.37
CA ALA B 127 16.40 -18.64 -27.08
C ALA B 127 16.03 -18.79 -25.61
N LYS B 128 14.97 -19.55 -25.35
CA LYS B 128 14.57 -19.81 -23.98
C LYS B 128 15.64 -20.63 -23.27
N ARG B 129 16.06 -20.16 -22.11
CA ARG B 129 17.17 -20.75 -21.38
C ARG B 129 16.66 -21.65 -20.26
N ALA B 130 17.49 -21.87 -19.24
CA ALA B 130 17.11 -22.64 -18.06
C ALA B 130 18.00 -22.23 -16.89
N ASP C 28 -3.73 -7.14 25.06
CA ASP C 28 -3.97 -7.71 23.74
C ASP C 28 -3.32 -6.84 22.67
N VAL C 29 -3.97 -5.72 22.34
CA VAL C 29 -3.51 -4.80 21.31
C VAL C 29 -3.30 -3.42 21.93
N THR C 30 -2.27 -2.71 21.47
CA THR C 30 -1.94 -1.38 21.97
C THR C 30 -2.64 -0.28 21.16
N ASN C 31 -2.73 0.91 21.79
CA ASN C 31 -3.32 2.07 21.12
C ASN C 31 -2.48 2.49 19.91
N ALA C 32 -1.16 2.39 20.01
CA ALA C 32 -0.28 2.80 18.93
C ALA C 32 -0.57 2.01 17.66
N THR C 33 -0.74 0.70 17.77
CA THR C 33 -1.09 -0.09 16.60
C THR C 33 -2.46 0.31 16.05
N LEU C 34 -3.43 0.55 16.95
CA LEU C 34 -4.76 0.93 16.51
C LEU C 34 -4.77 2.29 15.84
N GLU C 35 -4.03 3.25 16.38
CA GLU C 35 -3.96 4.57 15.76
C GLU C 35 -3.27 4.50 14.40
N THR C 36 -2.19 3.70 14.32
CA THR C 36 -1.45 3.57 13.08
C THR C 36 -2.29 2.86 12.01
N THR C 37 -2.95 1.76 12.38
CA THR C 37 -3.78 1.05 11.43
C THR C 37 -4.92 1.92 10.93
N GLY C 38 -5.50 2.74 11.80
CA GLY C 38 -6.57 3.64 11.37
C GLY C 38 -6.12 4.62 10.33
N LYS C 39 -4.95 5.25 10.54
CA LYS C 39 -4.41 6.17 9.57
C LYS C 39 -4.15 5.49 8.23
N GLU C 40 -3.52 4.30 8.28
CA GLU C 40 -3.25 3.55 7.05
C GLU C 40 -4.53 3.22 6.31
N LEU C 41 -5.59 2.83 7.04
CA LEU C 41 -6.86 2.54 6.41
C LEU C 41 -7.49 3.79 5.80
N THR C 42 -7.45 4.91 6.52
CA THR C 42 -8.05 6.13 5.99
C THR C 42 -7.28 6.63 4.78
N GLU C 43 -5.95 6.50 4.80
CA GLU C 43 -5.15 6.86 3.64
C GLU C 43 -5.50 5.98 2.45
N THR C 44 -5.65 4.67 2.68
CA THR C 44 -6.02 3.76 1.61
C THR C 44 -7.45 4.02 1.14
N TYR C 45 -8.34 4.38 2.07
CA TYR C 45 -9.69 4.77 1.71
C TYR C 45 -9.69 5.99 0.80
N MET C 46 -8.83 6.96 1.10
CA MET C 46 -8.74 8.15 0.27
C MET C 46 -8.29 7.82 -1.15
N GLU C 47 -7.46 6.79 -1.30
CA GLU C 47 -7.00 6.40 -2.63
C GLU C 47 -8.08 5.73 -3.45
N CYS C 48 -9.09 5.13 -2.81
CA CYS C 48 -10.13 4.43 -3.54
C CYS C 48 -11.33 5.30 -3.86
N LEU C 49 -11.33 6.54 -3.40
CA LEU C 49 -12.37 7.49 -3.75
C LEU C 49 -11.86 8.31 -4.92
N ASN C 50 -12.19 7.87 -6.13
CA ASN C 50 -11.83 8.62 -7.34
C ASN C 50 -12.76 9.81 -7.44
N GLY C 51 -12.46 10.84 -6.64
CA GLY C 51 -13.32 12.00 -6.54
C GLY C 51 -14.48 11.77 -5.59
N ASP C 52 -15.50 11.06 -6.08
CA ASP C 52 -16.62 10.65 -5.24
C ASP C 52 -17.11 9.25 -5.60
N VAL C 53 -16.43 8.55 -6.50
CA VAL C 53 -16.74 7.18 -6.82
C VAL C 53 -15.76 6.28 -6.08
N VAL C 54 -16.18 5.04 -5.83
CA VAL C 54 -15.35 4.07 -5.11
C VAL C 54 -14.80 3.06 -6.12
N GLU C 55 -13.49 2.95 -6.19
CA GLU C 55 -12.83 1.97 -7.06
C GLU C 55 -11.63 1.37 -6.33
N VAL C 56 -11.66 0.05 -6.15
CA VAL C 56 -10.63 -0.69 -5.39
C VAL C 56 -9.79 -1.52 -6.35
N SER C 57 -8.49 -1.25 -6.37
CA SER C 57 -7.52 -2.01 -7.15
C SER C 57 -7.18 -3.34 -6.46
N ILE C 58 -6.55 -4.24 -7.22
CA ILE C 58 -6.12 -5.52 -6.67
C ILE C 58 -5.13 -5.31 -5.52
N ALA C 59 -4.21 -4.36 -5.69
CA ALA C 59 -3.22 -4.08 -4.65
C ALA C 59 -3.87 -3.47 -3.42
N ASN C 60 -4.76 -2.49 -3.63
CA ASN C 60 -5.46 -1.88 -2.50
C ASN C 60 -6.36 -2.89 -1.80
N GLU C 61 -7.02 -3.77 -2.57
CA GLU C 61 -7.85 -4.80 -1.95
C GLU C 61 -7.03 -5.68 -1.02
N GLU C 62 -5.82 -6.05 -1.43
CA GLU C 62 -4.99 -6.90 -0.59
C GLU C 62 -4.52 -6.15 0.65
N ARG C 63 -4.26 -4.85 0.50
CA ARG C 63 -3.87 -4.05 1.66
C ARG C 63 -5.04 -3.88 2.63
N ILE C 64 -6.24 -3.68 2.10
CA ILE C 64 -7.41 -3.50 2.97
C ILE C 64 -7.71 -4.78 3.73
N VAL C 65 -7.80 -5.87 2.99
CA VAL C 65 -8.16 -7.14 3.65
C VAL C 65 -7.07 -7.48 4.66
N SER C 66 -5.88 -7.08 4.32
CA SER C 66 -4.73 -7.37 5.17
C SER C 66 -4.80 -6.52 6.44
N LEU C 67 -5.13 -5.24 6.32
CA LEU C 67 -5.22 -4.39 7.52
C LEU C 67 -6.37 -4.84 8.39
N LEU C 68 -7.51 -5.14 7.79
CA LEU C 68 -8.69 -5.61 8.52
C LEU C 68 -8.41 -6.94 9.20
N SER C 69 -7.65 -7.82 8.54
CA SER C 69 -7.31 -9.09 9.14
C SER C 69 -6.53 -8.90 10.44
N SER C 70 -5.62 -7.93 10.47
CA SER C 70 -4.85 -7.69 11.69
C SER C 70 -5.72 -7.16 12.82
N LEU C 71 -6.89 -6.60 12.50
CA LEU C 71 -7.80 -6.10 13.51
C LEU C 71 -8.92 -7.09 13.83
N ALA C 72 -9.20 -8.02 12.90
CA ALA C 72 -10.35 -8.90 13.09
C ALA C 72 -10.17 -9.79 14.31
N SER C 73 -8.93 -10.05 14.71
CA SER C 73 -8.66 -10.85 15.88
C SER C 73 -8.21 -10.03 17.08
N ALA C 74 -7.99 -8.74 16.90
CA ALA C 74 -7.55 -7.90 18.01
C ALA C 74 -8.70 -7.66 18.96
N ASN C 75 -8.51 -8.00 20.24
CA ASN C 75 -9.54 -7.82 21.26
C ASN C 75 -9.52 -6.36 21.72
N VAL C 76 -10.10 -5.50 20.88
CA VAL C 76 -10.13 -4.07 21.15
C VAL C 76 -11.14 -3.76 22.25
N THR C 77 -10.70 -3.02 23.27
CA THR C 77 -11.59 -2.56 24.33
C THR C 77 -12.42 -1.37 23.87
N LEU C 78 -13.49 -1.09 24.61
CA LEU C 78 -14.39 -0.02 24.20
C LEU C 78 -13.73 1.35 24.24
N LYS C 79 -12.90 1.62 25.25
CA LYS C 79 -12.22 2.91 25.29
C LYS C 79 -11.25 3.06 24.12
N GLN C 80 -10.62 1.95 23.70
CA GLN C 80 -9.77 2.01 22.51
C GLN C 80 -10.61 2.19 21.25
N LEU C 81 -11.74 1.50 21.18
CA LEU C 81 -12.62 1.58 20.02
C LEU C 81 -13.04 3.02 19.76
N ILE C 82 -13.50 3.70 20.80
CA ILE C 82 -13.91 5.10 20.68
C ILE C 82 -12.71 6.02 20.68
N GLY C 83 -11.78 5.80 21.62
CA GLY C 83 -10.65 6.72 21.77
C GLY C 83 -9.79 6.83 20.53
N THR C 84 -9.42 5.70 19.94
CA THR C 84 -8.53 5.70 18.78
C THR C 84 -9.27 5.97 17.49
N LYS C 85 -10.60 5.94 17.50
CA LYS C 85 -11.43 6.14 16.31
C LYS C 85 -11.20 5.04 15.27
N ILE C 86 -10.75 3.88 15.73
CA ILE C 86 -10.52 2.77 14.82
C ILE C 86 -11.84 2.26 14.26
N GLY C 87 -12.91 2.33 15.06
CA GLY C 87 -14.22 1.94 14.57
C GLY C 87 -14.68 2.85 13.44
N VAL C 88 -14.37 4.15 13.56
CA VAL C 88 -14.67 5.08 12.48
C VAL C 88 -13.84 4.74 11.25
N ALA C 89 -12.57 4.42 11.44
CA ALA C 89 -11.71 4.03 10.33
C ALA C 89 -12.25 2.79 9.64
N VAL C 90 -12.67 1.79 10.42
CA VAL C 90 -13.23 0.58 9.84
C VAL C 90 -14.60 0.87 9.22
N GLY C 91 -15.36 1.78 9.84
CA GLY C 91 -16.67 2.13 9.31
C GLY C 91 -16.64 2.72 7.92
N GLN C 92 -15.50 3.30 7.52
CA GLN C 92 -15.39 3.89 6.19
C GLN C 92 -15.76 2.91 5.10
N PHE C 93 -15.36 1.65 5.25
CA PHE C 93 -15.47 0.64 4.22
C PHE C 93 -16.83 -0.07 4.24
N LEU C 94 -17.79 0.47 4.98
CA LEU C 94 -19.16 -0.01 4.95
C LEU C 94 -19.98 0.62 3.84
N SER C 95 -19.33 1.16 2.82
CA SER C 95 -20.08 1.89 1.80
C SER C 95 -20.22 0.99 0.59
N ASP C 96 -21.40 1.06 -0.04
CA ASP C 96 -21.77 0.12 -1.10
C ASP C 96 -20.78 0.13 -2.25
N GLY C 97 -19.96 1.17 -2.39
CA GLY C 97 -18.99 1.21 -3.47
C GLY C 97 -17.91 0.15 -3.35
N PHE C 98 -17.61 -0.29 -2.13
CA PHE C 98 -16.57 -1.26 -1.89
C PHE C 98 -17.06 -2.68 -2.15
N PRO C 99 -16.14 -3.62 -2.42
CA PRO C 99 -16.56 -4.98 -2.75
C PRO C 99 -17.33 -5.61 -1.62
N PRO C 100 -18.27 -6.51 -1.93
CA PRO C 100 -19.10 -7.12 -0.88
C PRO C 100 -18.31 -7.79 0.24
N HIS C 101 -17.26 -8.56 -0.08
CA HIS C 101 -16.53 -9.25 0.97
C HIS C 101 -15.80 -8.27 1.90
N ILE C 102 -15.44 -7.09 1.40
CA ILE C 102 -14.85 -6.08 2.27
C ILE C 102 -15.91 -5.44 3.14
N VAL C 103 -17.11 -5.22 2.60
CA VAL C 103 -18.21 -4.70 3.40
C VAL C 103 -18.62 -5.71 4.48
N ARG C 104 -18.69 -6.99 4.12
CA ARG C 104 -19.03 -8.02 5.10
C ARG C 104 -17.96 -8.13 6.18
N PHE C 105 -16.69 -8.12 5.78
CA PHE C 105 -15.60 -8.20 6.75
C PHE C 105 -15.64 -7.04 7.73
N SER C 106 -15.91 -5.82 7.23
CA SER C 106 -15.94 -4.65 8.09
C SER C 106 -17.10 -4.71 9.08
N LYS C 107 -18.29 -5.09 8.60
CA LYS C 107 -19.44 -5.22 9.50
C LYS C 107 -19.19 -6.29 10.55
N GLY C 108 -18.55 -7.40 10.17
CA GLY C 108 -18.24 -8.44 11.13
C GLY C 108 -17.29 -7.96 12.22
N ILE C 109 -16.27 -7.20 11.83
CA ILE C 109 -15.31 -6.69 12.81
C ILE C 109 -15.99 -5.74 13.78
N LEU C 110 -16.84 -4.84 13.26
CA LEU C 110 -17.55 -3.91 14.13
C LEU C 110 -18.55 -4.65 15.02
N ASP C 111 -19.22 -5.66 14.47
CA ASP C 111 -20.11 -6.48 15.28
C ASP C 111 -19.35 -7.17 16.40
N TYR C 112 -18.14 -7.67 16.10
CA TYR C 112 -17.31 -8.28 17.14
C TYR C 112 -16.93 -7.25 18.19
N TRP C 113 -16.47 -6.08 17.74
CA TRP C 113 -16.03 -5.04 18.67
C TRP C 113 -17.20 -4.50 19.51
N PHE C 114 -18.41 -4.47 18.95
CA PHE C 114 -19.56 -3.96 19.66
C PHE C 114 -20.36 -5.05 20.37
N ARG C 115 -19.79 -6.25 20.50
CA ARG C 115 -20.55 -7.37 21.03
C ARG C 115 -20.97 -7.08 22.47
N GLN C 116 -22.19 -7.49 22.81
CA GLN C 116 -22.79 -7.30 24.12
C GLN C 116 -22.95 -5.83 24.51
N LEU C 117 -22.76 -4.91 23.57
CA LEU C 117 -23.00 -3.51 23.87
C LEU C 117 -24.40 -3.12 23.43
N PRO C 118 -25.01 -2.12 24.04
CA PRO C 118 -26.35 -1.71 23.63
C PRO C 118 -26.41 -1.29 22.17
N GLU C 119 -27.54 -1.59 21.53
CA GLU C 119 -27.75 -1.17 20.14
C GLU C 119 -27.64 0.33 20.02
N GLU C 120 -28.09 1.06 21.05
CA GLU C 120 -28.01 2.52 21.04
C GLU C 120 -26.57 3.00 20.95
N VAL C 121 -25.64 2.30 21.59
CA VAL C 121 -24.24 2.73 21.60
C VAL C 121 -23.61 2.54 20.22
N GLN C 122 -23.82 1.37 19.60
CA GLN C 122 -23.22 1.14 18.29
C GLN C 122 -23.72 2.13 17.26
N LYS C 123 -25.01 2.49 17.32
CA LYS C 123 -25.55 3.44 16.37
C LYS C 123 -24.77 4.75 16.40
N GLN C 124 -24.30 5.14 17.59
CA GLN C 124 -23.50 6.35 17.76
C GLN C 124 -22.02 6.14 17.45
N LEU C 125 -21.65 5.15 16.62
CA LEU C 125 -20.24 4.98 16.31
C LEU C 125 -19.77 5.92 15.21
N LEU C 126 -20.50 5.96 14.09
CA LEU C 126 -20.07 6.77 12.95
C LEU C 126 -21.17 7.76 12.55
N ASP D 28 -2.85 35.29 23.90
CA ASP D 28 -2.39 35.88 22.62
C ASP D 28 -3.06 35.13 21.46
N VAL D 29 -2.94 33.83 21.41
CA VAL D 29 -3.60 33.09 20.32
C VAL D 29 -4.20 31.85 20.99
N THR D 30 -5.41 31.48 20.62
CA THR D 30 -6.10 30.39 21.30
C THR D 30 -5.65 29.04 20.80
N ASN D 31 -5.90 28.02 21.60
CA ASN D 31 -5.56 26.64 21.25
C ASN D 31 -6.31 26.18 20.01
N ALA D 32 -7.58 26.60 19.88
CA ALA D 32 -8.36 26.23 18.71
C ALA D 32 -7.74 26.77 17.43
N THR D 33 -7.26 28.02 17.47
CA THR D 33 -6.61 28.61 16.31
C THR D 33 -5.33 27.85 15.95
N LEU D 34 -4.54 27.51 16.95
CA LEU D 34 -3.29 26.78 16.70
C LEU D 34 -3.59 25.40 16.12
N GLU D 35 -4.61 24.73 16.65
CA GLU D 35 -4.96 23.41 16.13
C GLU D 35 -5.51 23.50 14.71
N THR D 36 -6.32 24.52 14.42
CA THR D 36 -6.87 24.65 13.07
C THR D 36 -5.77 24.91 12.05
N THR D 37 -4.88 25.85 12.35
CA THR D 37 -3.75 26.12 11.47
C THR D 37 -2.84 24.89 11.39
N GLY D 38 -2.65 24.20 12.51
CA GLY D 38 -1.83 23.00 12.49
C GLY D 38 -2.39 21.92 11.59
N LYS D 39 -3.70 21.68 11.67
CA LYS D 39 -4.33 20.70 10.80
C LYS D 39 -4.20 21.10 9.33
N GLU D 40 -4.47 22.39 9.04
CA GLU D 40 -4.33 22.87 7.66
C GLU D 40 -2.90 22.70 7.15
N LEU D 41 -1.91 22.91 8.02
CA LEU D 41 -0.52 22.75 7.61
C LEU D 41 -0.19 21.30 7.27
N THR D 42 -0.65 20.36 8.11
CA THR D 42 -0.36 18.96 7.84
C THR D 42 -1.04 18.48 6.57
N GLU D 43 -2.26 18.94 6.32
CA GLU D 43 -2.97 18.55 5.09
C GLU D 43 -2.17 18.94 3.86
N THR D 44 -1.63 20.15 3.83
CA THR D 44 -0.82 20.57 2.70
C THR D 44 0.50 19.80 2.63
N TYR D 45 1.06 19.49 3.79
CA TYR D 45 2.34 18.76 3.82
C TYR D 45 2.11 17.46 3.07
N MET D 46 1.07 16.76 3.50
CA MET D 46 0.61 15.49 2.91
C MET D 46 0.54 15.69 1.41
N GLU D 47 -0.29 16.64 0.99
CA GLU D 47 -0.54 16.85 -0.42
C GLU D 47 0.73 17.04 -1.24
N CYS D 48 1.83 17.45 -0.61
CA CYS D 48 3.08 17.66 -1.32
C CYS D 48 3.97 16.42 -1.29
N LEU D 49 3.53 15.36 -0.63
CA LEU D 49 4.28 14.10 -0.64
C LEU D 49 3.71 13.18 -1.72
N ASP D 52 5.78 9.95 -2.16
CA ASP D 52 6.79 9.80 -1.12
C ASP D 52 7.98 10.72 -1.37
N VAL D 53 7.89 11.50 -2.45
CA VAL D 53 8.82 12.58 -2.72
C VAL D 53 8.08 13.90 -2.53
N VAL D 54 8.81 14.95 -2.19
CA VAL D 54 8.21 16.23 -1.85
C VAL D 54 8.13 17.09 -3.10
N GLU D 55 6.91 17.46 -3.48
CA GLU D 55 6.65 18.33 -4.63
C GLU D 55 5.53 19.29 -4.25
N VAL D 56 5.83 20.58 -4.21
CA VAL D 56 4.89 21.60 -3.77
C VAL D 56 4.46 22.45 -4.96
N SER D 57 3.16 22.49 -5.24
CA SER D 57 2.62 23.36 -6.26
C SER D 57 2.59 24.80 -5.77
N ILE D 58 2.43 25.73 -6.73
CA ILE D 58 2.34 27.15 -6.39
C ILE D 58 1.17 27.42 -5.46
N ALA D 59 0.07 26.70 -5.64
CA ALA D 59 -1.06 26.86 -4.75
C ALA D 59 -0.69 26.39 -3.34
N ASN D 60 0.02 25.26 -3.25
CA ASN D 60 0.48 24.76 -1.96
C ASN D 60 1.53 25.66 -1.33
N GLU D 61 2.45 26.16 -2.14
CA GLU D 61 3.51 27.05 -1.62
C GLU D 61 2.87 28.34 -1.10
N GLU D 62 1.90 28.90 -1.81
CA GLU D 62 1.32 30.17 -1.33
C GLU D 62 0.47 29.88 -0.09
N ARG D 63 -0.16 28.72 -0.03
CA ARG D 63 -0.95 28.37 1.17
C ARG D 63 -0.04 28.17 2.38
N ILE D 64 1.15 27.66 2.16
CA ILE D 64 2.06 27.40 3.30
C ILE D 64 2.60 28.73 3.81
N VAL D 65 2.98 29.60 2.90
CA VAL D 65 3.49 30.90 3.34
C VAL D 65 2.38 31.66 4.08
N SER D 66 1.13 31.51 3.63
CA SER D 66 0.02 32.18 4.29
C SER D 66 -0.19 31.63 5.71
N LEU D 67 -0.18 30.31 5.87
CA LEU D 67 -0.38 29.72 7.19
C LEU D 67 0.79 30.04 8.11
N LEU D 68 2.02 29.88 7.61
CA LEU D 68 3.19 30.20 8.42
C LEU D 68 3.20 31.65 8.85
N SER D 69 2.83 32.55 7.93
CA SER D 69 2.79 33.97 8.26
C SER D 69 1.84 34.24 9.42
N SER D 70 0.72 33.52 9.46
CA SER D 70 -0.25 33.71 10.54
C SER D 70 0.31 33.30 11.90
N LEU D 71 1.34 32.46 11.94
CA LEU D 71 1.95 32.02 13.19
C LEU D 71 3.20 32.80 13.56
N ALA D 72 3.84 33.47 12.60
CA ALA D 72 5.12 34.13 12.85
C ALA D 72 5.01 35.21 13.91
N SER D 73 3.80 35.72 14.17
CA SER D 73 3.54 36.75 15.16
C SER D 73 2.93 36.22 16.44
N ALA D 74 2.53 34.95 16.48
CA ALA D 74 1.86 34.39 17.64
C ALA D 74 2.86 34.12 18.75
N ASN D 75 2.62 34.68 19.93
CA ASN D 75 3.47 34.39 21.09
C ASN D 75 2.94 33.10 21.69
N VAL D 76 3.29 31.99 21.03
CA VAL D 76 2.85 30.69 21.48
C VAL D 76 3.62 30.32 22.74
N THR D 77 2.89 29.99 23.80
CA THR D 77 3.51 29.56 25.04
C THR D 77 3.96 28.11 24.94
N LEU D 78 4.81 27.71 25.88
CA LEU D 78 5.34 26.35 25.86
C LEU D 78 4.24 25.31 26.03
N LYS D 79 3.25 25.61 26.88
CA LYS D 79 2.13 24.69 27.06
C LYS D 79 1.32 24.55 25.78
N GLN D 80 1.18 25.63 25.01
CA GLN D 80 0.48 25.56 23.73
C GLN D 80 1.29 24.77 22.70
N LEU D 81 2.61 24.95 22.72
CA LEU D 81 3.48 24.24 21.79
C LEU D 81 3.28 22.73 21.90
N ILE D 82 3.28 22.19 23.11
CA ILE D 82 3.12 20.76 23.31
C ILE D 82 1.66 20.34 23.10
N GLY D 83 0.73 21.09 23.68
CA GLY D 83 -0.67 20.70 23.62
C GLY D 83 -1.20 20.67 22.20
N THR D 84 -0.97 21.75 21.45
CA THR D 84 -1.49 21.85 20.09
C THR D 84 -0.61 21.19 19.04
N LYS D 85 0.64 20.86 19.39
CA LYS D 85 1.58 20.22 18.45
C LYS D 85 1.86 21.09 17.24
N ILE D 86 1.71 22.41 17.39
CA ILE D 86 1.93 23.32 16.27
C ILE D 86 3.41 23.34 15.89
N GLY D 87 4.31 23.12 16.86
CA GLY D 87 5.72 23.06 16.54
C GLY D 87 6.08 21.89 15.64
N VAL D 88 5.45 20.73 15.86
CA VAL D 88 5.66 19.59 14.98
C VAL D 88 5.09 19.87 13.59
N ALA D 89 3.90 20.48 13.54
CA ALA D 89 3.29 20.82 12.25
C ALA D 89 4.17 21.77 11.46
N VAL D 90 4.69 22.81 12.13
CA VAL D 90 5.60 23.72 11.45
C VAL D 90 6.93 23.02 11.17
N GLY D 91 7.35 22.13 12.07
CA GLY D 91 8.57 21.38 11.88
C GLY D 91 8.60 20.52 10.63
N GLN D 92 7.43 20.12 10.13
CA GLN D 92 7.38 19.28 8.93
C GLN D 92 8.13 19.90 7.76
N PHE D 93 8.03 21.23 7.61
CA PHE D 93 8.53 21.90 6.42
C PHE D 93 10.01 22.29 6.53
N LEU D 94 10.73 21.76 7.54
CA LEU D 94 12.17 21.91 7.62
C LEU D 94 12.93 20.81 6.89
N SER D 95 12.30 20.13 5.94
CA SER D 95 12.96 19.02 5.30
C SER D 95 13.43 19.45 3.91
N ASP D 96 14.59 18.93 3.52
CA ASP D 96 15.27 19.42 2.32
C ASP D 96 14.41 19.33 1.06
N GLY D 97 13.35 18.52 1.07
CA GLY D 97 12.49 18.42 -0.09
C GLY D 97 11.74 19.71 -0.40
N PHE D 98 11.53 20.53 0.63
CA PHE D 98 10.77 21.77 0.53
C PHE D 98 11.64 22.93 0.04
N PRO D 99 11.01 23.98 -0.49
CA PRO D 99 11.78 25.12 -1.02
C PRO D 99 12.59 25.76 0.07
N PRO D 100 13.78 26.29 -0.26
CA PRO D 100 14.65 26.89 0.76
C PRO D 100 14.01 28.04 1.54
N HIS D 101 13.32 28.96 0.87
CA HIS D 101 12.78 30.11 1.58
C HIS D 101 11.70 29.71 2.58
N ILE D 102 10.98 28.61 2.31
CA ILE D 102 10.01 28.11 3.27
C ILE D 102 10.72 27.39 4.42
N VAL D 103 11.82 26.70 4.12
CA VAL D 103 12.59 26.04 5.18
C VAL D 103 13.15 27.07 6.15
N ARG D 104 13.68 28.18 5.63
CA ARG D 104 14.21 29.23 6.50
C ARG D 104 13.11 29.86 7.34
N PHE D 105 11.96 30.14 6.74
CA PHE D 105 10.85 30.75 7.46
C PHE D 105 10.39 29.86 8.60
N SER D 106 10.32 28.54 8.38
CA SER D 106 9.91 27.62 9.44
C SER D 106 10.93 27.62 10.57
N LYS D 107 12.21 27.63 10.23
CA LYS D 107 13.26 27.68 11.24
C LYS D 107 13.14 28.94 12.09
N GLY D 108 12.81 30.08 11.46
CA GLY D 108 12.69 31.32 12.21
C GLY D 108 11.55 31.31 13.21
N ILE D 109 10.38 30.81 12.81
CA ILE D 109 9.24 30.78 13.72
C ILE D 109 9.52 29.86 14.91
N LEU D 110 10.07 28.68 14.65
CA LEU D 110 10.41 27.77 15.73
C LEU D 110 11.54 28.31 16.59
N ASP D 111 12.52 28.98 15.96
CA ASP D 111 13.60 29.60 16.73
C ASP D 111 13.04 30.60 17.74
N TYR D 112 12.06 31.40 17.33
CA TYR D 112 11.41 32.32 18.25
C TYR D 112 10.65 31.56 19.34
N TRP D 113 9.87 30.56 18.96
CA TRP D 113 9.07 29.82 19.93
C TRP D 113 9.94 29.07 20.92
N PHE D 114 11.14 28.64 20.51
CA PHE D 114 12.06 27.91 21.37
C PHE D 114 13.05 28.83 22.08
N ARG D 115 12.81 30.13 22.08
CA ARG D 115 13.82 31.09 22.52
C ARG D 115 14.24 30.91 23.97
N GLN D 116 13.43 30.25 24.80
CA GLN D 116 13.76 30.10 26.22
C GLN D 116 14.45 28.78 26.54
N LEU D 117 14.82 27.99 25.51
CA LEU D 117 15.55 26.75 25.70
C LEU D 117 17.04 26.95 25.47
N PRO D 118 17.91 26.13 26.06
CA PRO D 118 19.34 26.25 25.80
C PRO D 118 19.65 26.12 24.32
N GLU D 119 20.71 26.82 23.88
CA GLU D 119 21.10 26.79 22.48
C GLU D 119 21.35 25.37 21.99
N GLU D 120 21.92 24.52 22.83
CA GLU D 120 22.17 23.14 22.43
C GLU D 120 20.87 22.41 22.11
N VAL D 121 19.81 22.67 22.88
CA VAL D 121 18.52 22.05 22.60
C VAL D 121 17.92 22.63 21.33
N GLN D 122 17.98 23.96 21.18
CA GLN D 122 17.42 24.60 20.00
C GLN D 122 18.11 24.13 18.73
N LYS D 123 19.43 23.99 18.76
CA LYS D 123 20.15 23.58 17.56
C LYS D 123 19.66 22.23 17.07
N GLN D 124 19.33 21.32 17.97
CA GLN D 124 18.85 20.01 17.54
C GLN D 124 17.38 20.02 17.15
N LEU D 125 16.63 21.04 17.57
CA LEU D 125 15.24 21.12 17.16
C LEU D 125 15.11 21.77 15.79
N LEU D 126 16.00 22.70 15.47
CA LEU D 126 15.98 23.43 14.22
C LEU D 126 16.82 22.77 13.12
N ALA D 127 17.41 21.61 13.39
CA ALA D 127 18.29 20.96 12.42
C ALA D 127 17.51 20.47 11.20
N ASP E 28 18.97 24.22 41.01
CA ASP E 28 18.04 24.24 39.90
C ASP E 28 16.98 23.14 40.05
N VAL E 29 17.41 21.89 39.96
CA VAL E 29 16.52 20.75 40.04
C VAL E 29 16.95 19.82 41.17
N THR E 30 15.97 19.17 41.81
CA THR E 30 16.25 18.21 42.87
C THR E 30 16.47 16.82 42.30
N ASN E 31 17.17 15.98 43.07
CA ASN E 31 17.37 14.59 42.65
C ASN E 31 16.06 13.83 42.62
N ALA E 32 15.17 14.09 43.58
CA ALA E 32 13.89 13.40 43.63
C ALA E 32 13.07 13.66 42.37
N THR E 33 13.06 14.91 41.90
CA THR E 33 12.36 15.23 40.66
C THR E 33 12.99 14.48 39.49
N LEU E 34 14.32 14.45 39.44
CA LEU E 34 15.01 13.72 38.37
C LEU E 34 14.77 12.22 38.47
N GLU E 35 14.75 11.68 39.69
CA GLU E 35 14.47 10.26 39.87
C GLU E 35 13.05 9.93 39.44
N THR E 36 12.10 10.79 39.80
CA THR E 36 10.71 10.56 39.45
C THR E 36 10.50 10.66 37.94
N THR E 37 11.02 11.73 37.33
CA THR E 37 10.89 11.89 35.88
C THR E 37 11.57 10.75 35.14
N GLY E 38 12.71 10.28 35.66
CA GLY E 38 13.39 9.17 35.01
C GLY E 38 12.54 7.91 34.98
N LYS E 39 11.87 7.60 36.10
CA LYS E 39 11.01 6.42 36.15
C LYS E 39 9.87 6.53 35.15
N GLU E 40 9.21 7.69 35.09
CA GLU E 40 8.11 7.88 34.15
C GLU E 40 8.58 7.71 32.70
N LEU E 41 9.77 8.20 32.39
CA LEU E 41 10.29 8.06 31.02
C LEU E 41 10.54 6.59 30.68
N THR E 42 11.12 5.83 31.61
CA THR E 42 11.36 4.41 31.36
C THR E 42 10.05 3.65 31.24
N GLU E 43 9.04 4.02 32.03
CA GLU E 43 7.74 3.39 31.93
C GLU E 43 7.17 3.55 30.53
N THR E 44 7.19 4.79 30.03
CA THR E 44 6.66 5.06 28.70
C THR E 44 7.53 4.41 27.63
N TYR E 45 8.84 4.42 27.83
CA TYR E 45 9.70 3.71 26.89
C TYR E 45 9.36 2.23 26.85
N MET E 46 9.10 1.63 28.02
CA MET E 46 8.74 0.22 28.07
C MET E 46 7.41 -0.04 27.36
N GLU E 47 6.45 0.87 27.52
CA GLU E 47 5.14 0.68 26.91
C GLU E 47 5.15 0.93 25.40
N CYS E 48 6.12 1.67 24.90
CA CYS E 48 6.23 1.92 23.47
C CYS E 48 7.10 0.89 22.78
N LEU E 49 7.62 -0.05 23.54
CA LEU E 49 8.38 -1.17 22.98
C LEU E 49 7.43 -2.34 22.78
N ASN E 50 7.20 -2.69 21.51
CA ASN E 50 6.46 -3.90 21.15
C ASN E 50 7.43 -5.04 20.85
N GLY E 51 8.51 -5.14 21.63
CA GLY E 51 9.52 -6.14 21.40
C GLY E 51 10.67 -5.62 20.55
N VAL E 54 9.28 -0.43 17.93
CA VAL E 54 9.05 0.86 18.57
C VAL E 54 7.78 1.50 18.00
N GLU E 55 6.81 1.78 18.88
CA GLU E 55 5.55 2.39 18.47
C GLU E 55 5.06 3.39 19.52
N VAL E 56 4.85 4.64 19.11
CA VAL E 56 4.45 5.72 20.01
C VAL E 56 2.99 6.10 19.74
N SER E 57 2.14 5.99 20.76
CA SER E 57 0.74 6.41 20.70
C SER E 57 0.63 7.92 20.79
N ILE E 58 -0.56 8.43 20.46
CA ILE E 58 -0.82 9.88 20.53
C ILE E 58 -0.62 10.41 21.94
N ALA E 59 -1.13 9.68 22.94
CA ALA E 59 -1.01 10.13 24.33
C ALA E 59 0.42 10.04 24.83
N ASN E 60 1.10 8.92 24.55
CA ASN E 60 2.49 8.77 24.96
C ASN E 60 3.37 9.80 24.27
N GLU E 61 3.06 10.13 23.02
CA GLU E 61 3.82 11.13 22.28
C GLU E 61 3.84 12.46 23.02
N GLU E 62 2.68 12.91 23.50
CA GLU E 62 2.62 14.15 24.25
C GLU E 62 3.21 13.98 25.64
N ARG E 63 3.07 12.79 26.22
CA ARG E 63 3.65 12.53 27.52
C ARG E 63 5.18 12.56 27.45
N ILE E 64 5.76 12.03 26.37
CA ILE E 64 7.21 12.05 26.21
C ILE E 64 7.69 13.50 26.04
N VAL E 65 7.02 14.25 25.17
CA VAL E 65 7.41 15.63 24.93
C VAL E 65 7.22 16.46 26.19
N SER E 66 6.16 16.18 26.95
CA SER E 66 5.92 16.91 28.19
C SER E 66 7.02 16.63 29.22
N LEU E 67 7.40 15.37 29.37
CA LEU E 67 8.44 15.03 30.34
C LEU E 67 9.79 15.62 29.93
N LEU E 68 10.13 15.51 28.65
CA LEU E 68 11.36 16.12 28.16
C LEU E 68 11.35 17.61 28.39
N SER E 69 10.18 18.24 28.23
CA SER E 69 10.06 19.67 28.42
C SER E 69 10.44 20.06 29.85
N SER E 70 10.05 19.25 30.85
CA SER E 70 10.40 19.57 32.23
C SER E 70 11.89 19.44 32.48
N LEU E 71 12.61 18.68 31.65
CA LEU E 71 14.05 18.51 31.81
C LEU E 71 14.87 19.39 30.89
N ALA E 72 14.28 19.89 29.80
CA ALA E 72 15.06 20.59 28.79
C ALA E 72 15.71 21.85 29.33
N SER E 73 15.14 22.46 30.37
CA SER E 73 15.72 23.65 30.96
C SER E 73 16.38 23.42 32.31
N ALA E 74 16.26 22.22 32.87
CA ALA E 74 16.85 21.96 34.17
C ALA E 74 18.36 21.85 34.03
N ASN E 75 19.09 22.66 34.78
CA ASN E 75 20.56 22.66 34.73
C ASN E 75 21.06 21.51 35.58
N VAL E 76 20.97 20.30 35.02
CA VAL E 76 21.37 19.09 35.71
C VAL E 76 22.89 19.02 35.79
N THR E 77 23.40 18.79 37.00
CA THR E 77 24.83 18.62 37.21
C THR E 77 25.25 17.21 36.79
N LEU E 78 26.57 17.05 36.59
CA LEU E 78 27.08 15.77 36.09
C LEU E 78 26.88 14.63 37.09
N LYS E 79 27.08 14.88 38.39
CA LYS E 79 26.84 13.82 39.37
C LYS E 79 25.37 13.43 39.41
N GLN E 80 24.47 14.38 39.19
CA GLN E 80 23.05 14.03 39.11
C GLN E 80 22.77 13.21 37.86
N LEU E 81 23.40 13.58 36.75
CA LEU E 81 23.21 12.87 35.48
C LEU E 81 23.55 11.40 35.62
N ILE E 82 24.72 11.10 36.16
CA ILE E 82 25.13 9.71 36.34
C ILE E 82 24.40 9.09 37.53
N GLY E 83 24.34 9.82 38.64
CA GLY E 83 23.75 9.27 39.85
C GLY E 83 22.30 8.88 39.66
N THR E 84 21.50 9.79 39.10
CA THR E 84 20.08 9.51 38.91
C THR E 84 19.81 8.71 37.64
N LYS E 85 20.79 8.60 36.75
CA LYS E 85 20.65 7.87 35.49
C LYS E 85 19.59 8.51 34.59
N ILE E 86 19.35 9.81 34.76
CA ILE E 86 18.36 10.49 33.94
C ILE E 86 18.85 10.59 32.50
N GLY E 87 20.18 10.66 32.30
CA GLY E 87 20.71 10.67 30.94
C GLY E 87 20.43 9.37 30.21
N VAL E 88 20.51 8.25 30.92
CA VAL E 88 20.16 6.97 30.32
C VAL E 88 18.66 6.94 29.99
N ALA E 89 17.84 7.47 30.89
CA ALA E 89 16.39 7.53 30.63
C ALA E 89 16.09 8.33 29.37
N VAL E 90 16.72 9.49 29.22
CA VAL E 90 16.51 10.29 28.01
C VAL E 90 17.18 9.61 26.81
N GLY E 91 18.32 8.97 27.01
CA GLY E 91 19.00 8.28 25.91
C GLY E 91 18.18 7.20 25.25
N GLN E 92 17.19 6.65 25.97
CA GLN E 92 16.33 5.61 25.42
C GLN E 92 15.67 6.07 24.12
N PHE E 93 15.36 7.35 24.08
CA PHE E 93 14.55 7.98 23.00
C PHE E 93 15.37 8.36 21.77
N LEU E 94 16.63 7.97 21.69
CA LEU E 94 17.40 8.25 20.44
C LEU E 94 17.21 7.14 19.42
N SER E 95 16.47 6.07 19.76
CA SER E 95 16.20 4.90 18.89
C SER E 95 15.38 5.29 17.64
N ASP E 96 15.65 4.64 16.51
CA ASP E 96 15.01 4.96 15.21
C ASP E 96 13.49 4.85 15.30
N GLY E 97 12.99 3.86 16.02
CA GLY E 97 11.54 3.70 16.19
C GLY E 97 10.84 5.00 16.57
N PHE E 98 11.36 5.70 17.58
CA PHE E 98 10.76 6.96 18.09
C PHE E 98 10.75 8.00 17.00
N PRO E 99 9.73 9.07 16.91
CA PRO E 99 9.54 10.15 15.95
C PRO E 99 10.72 11.10 15.95
N PRO E 100 11.04 11.69 14.79
CA PRO E 100 12.21 12.60 14.72
C PRO E 100 12.16 13.76 15.70
N HIS E 101 11.00 14.41 15.88
CA HIS E 101 10.96 15.55 16.79
C HIS E 101 11.22 15.12 18.22
N ILE E 102 10.90 13.86 18.56
CA ILE E 102 11.27 13.33 19.87
C ILE E 102 12.76 13.00 19.91
N VAL E 103 13.29 12.45 18.81
CA VAL E 103 14.71 12.18 18.72
C VAL E 103 15.52 13.49 18.74
N ARG E 104 15.05 14.50 18.03
CA ARG E 104 15.73 15.79 18.03
C ARG E 104 15.73 16.41 19.42
N PHE E 105 14.57 16.38 20.09
CA PHE E 105 14.46 16.97 21.42
C PHE E 105 15.38 16.29 22.42
N SER E 106 15.43 14.96 22.40
CA SER E 106 16.29 14.24 23.34
C SER E 106 17.76 14.48 23.09
N LYS E 107 18.19 14.46 21.82
CA LYS E 107 19.58 14.76 21.51
C LYS E 107 19.94 16.17 21.95
N GLY E 108 19.02 17.12 21.78
CA GLY E 108 19.29 18.48 22.22
C GLY E 108 19.47 18.57 23.73
N ILE E 109 18.62 17.87 24.49
CA ILE E 109 18.73 17.91 25.94
C ILE E 109 20.04 17.29 26.39
N LEU E 110 20.42 16.16 25.80
CA LEU E 110 21.68 15.53 26.16
C LEU E 110 22.86 16.40 25.75
N ASP E 111 22.77 17.04 24.59
CA ASP E 111 23.80 17.99 24.18
C ASP E 111 23.95 19.11 25.21
N TYR E 112 22.83 19.62 25.71
CA TYR E 112 22.87 20.66 26.73
C TYR E 112 23.52 20.16 28.01
N TRP E 113 23.10 18.99 28.48
CA TRP E 113 23.65 18.45 29.72
C TRP E 113 25.13 18.11 29.59
N PHE E 114 25.57 17.72 28.38
CA PHE E 114 26.95 17.36 28.08
C PHE E 114 27.74 18.51 27.44
N ARG E 115 27.27 19.75 27.59
CA ARG E 115 27.69 20.82 26.68
C ARG E 115 29.20 21.04 26.64
N GLN E 116 29.91 20.88 27.76
CA GLN E 116 31.34 21.16 27.77
C GLN E 116 32.18 19.96 28.21
N LEU E 117 31.61 18.70 28.12
CA LEU E 117 32.32 17.46 28.48
C LEU E 117 32.97 16.82 27.25
N PRO E 118 34.04 16.05 27.46
CA PRO E 118 34.67 15.34 26.35
C PRO E 118 33.73 14.34 25.71
N GLU E 119 33.89 14.16 24.40
CA GLU E 119 33.11 13.15 23.68
C GLU E 119 33.30 11.77 24.30
N GLU E 120 34.53 11.49 24.76
CA GLU E 120 34.81 10.19 25.39
C GLU E 120 33.95 9.98 26.63
N VAL E 121 33.75 11.02 27.42
CA VAL E 121 32.86 10.90 28.57
C VAL E 121 31.43 10.76 28.10
N GLN E 122 31.07 11.52 27.07
CA GLN E 122 29.73 11.47 26.49
C GLN E 122 29.41 10.06 26.00
N LYS E 123 30.36 9.44 25.29
CA LYS E 123 30.15 8.09 24.78
C LYS E 123 29.90 7.09 25.90
N GLN E 124 30.58 7.28 27.03
CA GLN E 124 30.45 6.36 28.15
C GLN E 124 29.19 6.59 28.98
N LEU E 125 28.44 7.65 28.69
CA LEU E 125 27.18 7.87 29.37
C LEU E 125 26.10 6.98 28.77
N LEU E 126 26.21 6.67 27.49
CA LEU E 126 25.25 5.83 26.78
C LEU E 126 25.15 4.46 27.44
N ASP F 28 -4.86 9.93 -18.09
CA ASP F 28 -4.10 9.23 -17.01
C ASP F 28 -5.12 8.39 -16.23
N VAL F 29 -4.88 7.10 -16.09
CA VAL F 29 -5.94 6.22 -15.51
C VAL F 29 -5.43 5.38 -14.34
N THR F 30 -6.31 4.99 -13.45
CA THR F 30 -5.88 4.19 -12.30
C THR F 30 -5.78 2.72 -12.71
N ASN F 31 -5.00 1.99 -11.95
CA ASN F 31 -4.95 0.54 -12.17
C ASN F 31 -6.30 -0.12 -11.93
N ALA F 32 -7.06 0.37 -10.96
CA ALA F 32 -8.36 -0.22 -10.65
C ALA F 32 -9.29 -0.19 -11.85
N THR F 33 -9.33 0.92 -12.58
CA THR F 33 -10.16 1.00 -13.78
C THR F 33 -9.70 0.00 -14.83
N LEU F 34 -8.39 -0.13 -15.02
CA LEU F 34 -7.86 -1.07 -16.01
C LEU F 34 -8.15 -2.51 -15.62
N GLU F 35 -8.03 -2.84 -14.33
CA GLU F 35 -8.29 -4.21 -13.91
C GLU F 35 -9.76 -4.60 -14.09
N THR F 36 -10.67 -3.71 -13.72
CA THR F 36 -12.10 -4.01 -13.85
C THR F 36 -12.52 -4.07 -15.32
N THR F 37 -12.11 -3.07 -16.11
CA THR F 37 -12.46 -3.06 -17.53
C THR F 37 -11.88 -4.27 -18.24
N GLY F 38 -10.66 -4.66 -17.88
CA GLY F 38 -10.06 -5.85 -18.48
C GLY F 38 -10.86 -7.10 -18.17
N LYS F 39 -11.26 -7.26 -16.91
CA LYS F 39 -12.08 -8.41 -16.52
C LYS F 39 -13.41 -8.41 -17.26
N GLU F 40 -14.07 -7.25 -17.32
CA GLU F 40 -15.33 -7.14 -18.05
C GLU F 40 -15.15 -7.49 -19.52
N LEU F 41 -14.02 -7.09 -20.11
CA LEU F 41 -13.74 -7.45 -21.49
C LEU F 41 -13.55 -8.96 -21.64
N THR F 42 -12.82 -9.57 -20.71
CA THR F 42 -12.59 -11.01 -20.79
C THR F 42 -13.88 -11.78 -20.56
N GLU F 43 -14.71 -11.34 -19.63
CA GLU F 43 -16.01 -11.98 -19.41
C GLU F 43 -16.87 -11.91 -20.66
N THR F 44 -16.91 -10.74 -21.31
CA THR F 44 -17.70 -10.62 -22.53
C THR F 44 -17.08 -11.44 -23.65
N TYR F 45 -15.75 -11.51 -23.70
CA TYR F 45 -15.09 -12.38 -24.66
C TYR F 45 -15.50 -13.83 -24.44
N MET F 46 -15.61 -14.25 -23.18
CA MET F 46 -16.02 -15.62 -22.88
C MET F 46 -17.42 -15.91 -23.40
N GLU F 47 -18.31 -14.93 -23.36
CA GLU F 47 -19.69 -15.13 -23.80
C GLU F 47 -19.85 -15.20 -25.31
N CYS F 48 -18.87 -14.69 -26.05
CA CYS F 48 -18.88 -14.67 -27.53
C CYS F 48 -18.16 -15.88 -28.08
N LEU F 49 -17.69 -16.75 -27.21
CA LEU F 49 -17.00 -17.98 -27.68
C LEU F 49 -18.09 -19.06 -27.73
N ASN F 50 -18.63 -19.33 -28.93
CA ASN F 50 -19.71 -20.35 -29.02
C ASN F 50 -19.18 -21.70 -28.53
N ASP F 52 -16.05 -23.18 -29.26
CA ASP F 52 -14.67 -22.91 -29.72
C ASP F 52 -14.72 -21.94 -30.91
N VAL F 53 -15.91 -21.52 -31.30
CA VAL F 53 -16.01 -20.56 -32.43
C VAL F 53 -16.50 -19.23 -31.87
N VAL F 54 -16.27 -18.14 -32.60
CA VAL F 54 -16.66 -16.82 -32.07
C VAL F 54 -17.99 -16.37 -32.67
N GLU F 55 -18.95 -16.04 -31.80
CA GLU F 55 -20.27 -15.60 -32.22
C GLU F 55 -20.58 -14.36 -31.42
N VAL F 56 -20.69 -13.22 -32.10
CA VAL F 56 -20.88 -11.93 -31.44
C VAL F 56 -22.30 -11.45 -31.69
N SER F 57 -23.07 -11.30 -30.61
CA SER F 57 -24.40 -10.75 -30.69
C SER F 57 -24.34 -9.23 -30.83
N ILE F 58 -25.47 -8.64 -31.24
CA ILE F 58 -25.55 -7.18 -31.32
C ILE F 58 -25.39 -6.57 -29.93
N ALA F 59 -25.96 -7.22 -28.91
CA ALA F 59 -25.86 -6.69 -27.55
C ALA F 59 -24.42 -6.78 -27.04
N ASN F 60 -23.76 -7.91 -27.26
CA ASN F 60 -22.36 -8.03 -26.88
C ASN F 60 -21.50 -7.08 -27.70
N GLU F 61 -21.86 -6.87 -28.97
CA GLU F 61 -21.13 -5.92 -29.81
C GLU F 61 -21.12 -4.53 -29.19
N GLU F 62 -22.27 -4.09 -28.67
CA GLU F 62 -22.34 -2.76 -28.07
C GLU F 62 -21.63 -2.70 -26.73
N ARG F 63 -21.63 -3.81 -25.97
CA ARG F 63 -20.88 -3.83 -24.73
C ARG F 63 -19.38 -3.77 -24.99
N ILE F 64 -18.91 -4.45 -26.05
CA ILE F 64 -17.50 -4.42 -26.39
C ILE F 64 -17.08 -3.02 -26.81
N VAL F 65 -17.88 -2.39 -27.67
CA VAL F 65 -17.56 -1.04 -28.14
C VAL F 65 -17.62 -0.04 -27.00
N SER F 66 -18.58 -0.22 -26.08
CA SER F 66 -18.67 0.69 -24.94
C SER F 66 -17.43 0.60 -24.06
N LEU F 67 -16.98 -0.63 -23.79
CA LEU F 67 -15.81 -0.82 -22.94
C LEU F 67 -14.55 -0.29 -23.62
N LEU F 68 -14.37 -0.58 -24.90
CA LEU F 68 -13.20 -0.10 -25.63
C LEU F 68 -13.18 1.43 -25.68
N SER F 69 -14.33 2.05 -25.89
CA SER F 69 -14.39 3.51 -25.98
C SER F 69 -13.91 4.16 -24.69
N SER F 70 -14.25 3.57 -23.54
CA SER F 70 -13.82 4.14 -22.26
C SER F 70 -12.32 4.10 -22.09
N LEU F 71 -11.63 3.24 -22.83
CA LEU F 71 -10.18 3.12 -22.78
C LEU F 71 -9.47 3.89 -23.88
N ALA F 72 -10.20 4.27 -24.93
CA ALA F 72 -9.55 4.80 -26.13
C ALA F 72 -8.76 6.07 -25.87
N SER F 73 -9.10 6.82 -24.82
CA SER F 73 -8.38 8.04 -24.49
C SER F 73 -7.50 7.90 -23.25
N ALA F 74 -7.55 6.76 -22.56
CA ALA F 74 -6.78 6.60 -21.34
C ALA F 74 -5.30 6.43 -21.66
N ASN F 75 -4.47 7.28 -21.05
CA ASN F 75 -3.02 7.27 -21.27
C ASN F 75 -2.39 6.18 -20.39
N VAL F 76 -2.54 4.94 -20.85
CA VAL F 76 -2.00 3.78 -20.14
C VAL F 76 -0.50 3.73 -20.28
N THR F 77 0.21 3.60 -19.16
CA THR F 77 1.65 3.43 -19.18
C THR F 77 2.02 2.00 -19.56
N LEU F 78 3.29 1.81 -19.93
CA LEU F 78 3.73 0.49 -20.33
C LEU F 78 3.64 -0.49 -19.18
N LYS F 79 4.00 -0.05 -17.97
CA LYS F 79 3.88 -0.91 -16.80
C LYS F 79 2.42 -1.28 -16.53
N GLN F 80 1.50 -0.33 -16.78
CA GLN F 80 0.08 -0.64 -16.66
C GLN F 80 -0.39 -1.56 -17.76
N LEU F 81 0.08 -1.33 -18.99
CA LEU F 81 -0.31 -2.15 -20.12
C LEU F 81 -0.04 -3.62 -19.84
N ILE F 82 1.19 -3.93 -19.42
CA ILE F 82 1.55 -5.30 -19.10
C ILE F 82 1.03 -5.70 -17.72
N GLY F 83 1.21 -4.81 -16.73
CA GLY F 83 0.88 -5.17 -15.37
C GLY F 83 -0.58 -5.51 -15.17
N THR F 84 -1.48 -4.68 -15.70
CA THR F 84 -2.90 -4.91 -15.55
C THR F 84 -3.45 -5.92 -16.53
N LYS F 85 -2.67 -6.29 -17.55
CA LYS F 85 -3.06 -7.20 -18.61
C LYS F 85 -4.22 -6.65 -19.44
N ILE F 86 -4.37 -5.33 -19.43
CA ILE F 86 -5.44 -4.72 -20.22
C ILE F 86 -5.13 -4.82 -21.71
N GLY F 87 -3.84 -4.77 -22.08
CA GLY F 87 -3.49 -4.91 -23.48
C GLY F 87 -3.84 -6.27 -24.03
N VAL F 88 -3.64 -7.33 -23.23
CA VAL F 88 -4.05 -8.66 -23.64
C VAL F 88 -5.57 -8.73 -23.75
N ALA F 89 -6.27 -8.12 -22.80
CA ALA F 89 -7.73 -8.10 -22.85
C ALA F 89 -8.21 -7.43 -24.13
N VAL F 90 -7.61 -6.31 -24.51
CA VAL F 90 -7.97 -5.65 -25.75
C VAL F 90 -7.53 -6.48 -26.95
N GLY F 91 -6.37 -7.14 -26.83
CA GLY F 91 -5.87 -7.99 -27.90
C GLY F 91 -6.80 -9.12 -28.27
N GLN F 92 -7.67 -9.53 -27.34
CA GLN F 92 -8.59 -10.63 -27.62
C GLN F 92 -9.41 -10.37 -28.87
N PHE F 93 -9.81 -9.13 -29.08
CA PHE F 93 -10.78 -8.79 -30.11
C PHE F 93 -10.14 -8.46 -31.46
N LEU F 94 -8.86 -8.79 -31.64
CA LEU F 94 -8.21 -8.71 -32.94
C LEU F 94 -8.37 -9.98 -33.75
N SER F 95 -9.37 -10.80 -33.43
CA SER F 95 -9.50 -12.12 -34.02
C SER F 95 -10.59 -12.10 -35.08
N ASP F 96 -10.41 -12.94 -36.10
CA ASP F 96 -11.24 -12.87 -37.31
C ASP F 96 -12.72 -12.93 -36.98
N GLY F 97 -13.11 -13.73 -35.99
CA GLY F 97 -14.51 -13.85 -35.63
C GLY F 97 -15.19 -12.55 -35.29
N PHE F 98 -14.43 -11.56 -34.81
CA PHE F 98 -15.03 -10.30 -34.39
C PHE F 98 -15.29 -9.34 -35.56
N PRO F 99 -16.26 -8.44 -35.39
CA PRO F 99 -16.59 -7.54 -36.50
C PRO F 99 -15.42 -6.64 -36.84
N PRO F 100 -15.30 -6.25 -38.12
CA PRO F 100 -14.16 -5.42 -38.55
C PRO F 100 -14.00 -4.14 -37.77
N HIS F 101 -15.09 -3.40 -37.51
CA HIS F 101 -14.95 -2.14 -36.79
C HIS F 101 -14.49 -2.36 -35.35
N ILE F 102 -14.79 -3.52 -34.77
CA ILE F 102 -14.27 -3.84 -33.46
C ILE F 102 -12.79 -4.22 -33.56
N VAL F 103 -12.42 -4.93 -34.64
CA VAL F 103 -11.01 -5.20 -34.90
C VAL F 103 -10.27 -3.91 -35.16
N ARG F 104 -10.90 -2.99 -35.90
CA ARG F 104 -10.29 -1.69 -36.18
C ARG F 104 -10.08 -0.88 -34.91
N PHE F 105 -11.10 -0.82 -34.05
CA PHE F 105 -11.00 -0.06 -32.81
C PHE F 105 -9.90 -0.61 -31.92
N SER F 106 -9.82 -1.94 -31.81
CA SER F 106 -8.80 -2.56 -30.96
C SER F 106 -7.40 -2.29 -31.49
N LYS F 107 -7.21 -2.39 -32.81
CA LYS F 107 -5.91 -2.10 -33.39
C LYS F 107 -5.51 -0.65 -33.14
N GLY F 108 -6.47 0.27 -33.23
CA GLY F 108 -6.17 1.67 -32.95
C GLY F 108 -5.76 1.91 -31.51
N ILE F 109 -6.51 1.31 -30.57
CA ILE F 109 -6.21 1.51 -29.15
C ILE F 109 -4.84 0.93 -28.81
N LEU F 110 -4.56 -0.28 -29.31
CA LEU F 110 -3.25 -0.88 -29.06
C LEU F 110 -2.13 -0.10 -29.74
N ASP F 111 -2.40 0.43 -30.95
CA ASP F 111 -1.43 1.28 -31.61
C ASP F 111 -1.10 2.51 -30.77
N TYR F 112 -2.12 3.11 -30.16
CA TYR F 112 -1.89 4.26 -29.29
C TYR F 112 -1.05 3.87 -28.07
N TRP F 113 -1.41 2.78 -27.41
CA TRP F 113 -0.68 2.38 -26.20
C TRP F 113 0.75 1.97 -26.51
N PHE F 114 1.01 1.43 -27.70
CA PHE F 114 2.35 1.00 -28.07
C PHE F 114 3.12 2.07 -28.85
N ARG F 115 2.64 3.31 -28.85
CA ARG F 115 3.26 4.34 -29.68
C ARG F 115 4.70 4.57 -29.25
N GLN F 116 5.58 4.71 -30.24
CA GLN F 116 7.02 4.92 -30.05
C GLN F 116 7.70 3.72 -29.41
N LEU F 117 7.03 2.58 -29.30
CA LEU F 117 7.70 1.41 -28.79
C LEU F 117 8.19 0.56 -29.96
N PRO F 118 9.26 -0.22 -29.77
CA PRO F 118 9.74 -1.06 -30.86
C PRO F 118 8.68 -2.06 -31.33
N GLU F 119 8.70 -2.33 -32.63
CA GLU F 119 7.79 -3.33 -33.18
C GLU F 119 8.00 -4.68 -32.50
N GLU F 120 9.27 -4.99 -32.16
CA GLU F 120 9.58 -6.24 -31.49
C GLU F 120 8.87 -6.34 -30.15
N VAL F 121 8.75 -5.23 -29.43
CA VAL F 121 8.06 -5.26 -28.14
C VAL F 121 6.56 -5.46 -28.35
N GLN F 122 5.97 -4.75 -29.31
CA GLN F 122 4.55 -4.92 -29.59
C GLN F 122 4.24 -6.34 -30.00
N LYS F 123 5.09 -6.93 -30.85
CA LYS F 123 4.86 -8.29 -31.32
C LYS F 123 4.84 -9.28 -30.16
N GLN F 124 5.67 -9.08 -29.15
CA GLN F 124 5.75 -10.00 -28.02
C GLN F 124 4.66 -9.78 -26.98
N LEU F 125 3.91 -8.68 -27.08
CA LEU F 125 2.80 -8.43 -26.17
C LEU F 125 1.54 -9.18 -26.56
N LEU F 126 1.43 -9.57 -27.82
CA LEU F 126 0.21 -10.17 -28.35
C LEU F 126 0.07 -11.66 -28.02
N ALA F 127 1.07 -12.26 -27.37
CA ALA F 127 1.00 -13.66 -26.92
C ALA F 127 0.69 -14.63 -28.06
#